data_3IHI
#
_entry.id   3IHI
#
_cell.length_a   158.202
_cell.length_b   87.962
_cell.length_c   68.043
_cell.angle_alpha   90.000
_cell.angle_beta   97.430
_cell.angle_gamma   90.000
#
_symmetry.space_group_name_H-M   'C 1 2 1'
#
loop_
_entity.id
_entity.type
_entity.pdbx_description
1 polymer 'Thymidylate synthase'
2 non-polymer 'SULFATE ION'
3 water water
#
_entity_poly.entity_id   1
_entity_poly.type   'polypeptide(L)'
_entity_poly.pdbx_seq_one_letter_code
;MLVVGSELQSDAQQLSAEAPRHGELQYLRQVEHILRCGFKKEDRTGTGTLSVFGMQARYSLRDEFPLLTTKRVFWKGVLE
ELLWFIKGSTNAKELSSKGVRIWDANGSRDFLDSLGFSARQEGDLGPVYGFQWRHFGAEYKDMDSDYSGQGVDQLQKVID
TIKTNPDDRRIIMCAWNPKDLPLMALPPCHALCQFYVVNGELSCQLYQRSGDMGLGVPFNIASYALLTYMIAHITGLQPG
DFVHTLGDAHIYLNHIEPLKIQLQREPRPFPKLKILRKVETIDDFKVEDFQIEGYNPHPTIKMEMAV
;
_entity_poly.pdbx_strand_id   A,B
#
# COMPACT_ATOMS: atom_id res chain seq x y z
N ARG A 21 5.69 25.98 3.02
CA ARG A 21 4.79 25.72 4.18
C ARG A 21 3.33 25.44 3.77
N HIS A 22 2.81 26.15 2.77
CA HIS A 22 1.50 25.81 2.19
C HIS A 22 1.57 24.36 1.67
N GLY A 23 0.59 23.51 2.06
CA GLY A 23 0.60 22.08 1.67
C GLY A 23 0.62 21.77 0.18
N GLU A 24 0.06 22.67 -0.62
CA GLU A 24 -0.02 22.43 -2.08
C GLU A 24 1.36 22.53 -2.71
N LEU A 25 2.31 23.16 -1.98
CA LEU A 25 3.65 23.21 -2.59
C LEU A 25 4.23 21.82 -2.76
N GLN A 26 3.89 20.87 -1.88
CA GLN A 26 4.34 19.47 -2.11
C GLN A 26 3.90 18.90 -3.44
N TYR A 27 2.65 19.15 -3.82
CA TYR A 27 2.11 18.58 -5.06
C TYR A 27 2.81 19.23 -6.30
N LEU A 28 2.96 20.55 -6.21
CA LEU A 28 3.65 21.30 -7.25
C LEU A 28 5.12 20.85 -7.37
N ARG A 29 5.81 20.62 -6.26
CA ARG A 29 7.17 20.09 -6.37
C ARG A 29 7.21 18.64 -6.95
N GLN A 30 6.22 17.83 -6.64
CA GLN A 30 6.08 16.56 -7.28
C GLN A 30 5.96 16.64 -8.79
N VAL A 31 5.12 17.52 -9.28
CA VAL A 31 4.94 17.72 -10.70
C VAL A 31 6.30 18.19 -11.32
N GLU A 32 6.95 19.14 -10.70
CA GLU A 32 8.21 19.58 -11.24
C GLU A 32 9.26 18.50 -11.25
N HIS A 33 9.29 17.68 -10.21
CA HIS A 33 10.15 16.54 -10.13
C HIS A 33 9.95 15.60 -11.30
N ILE A 34 8.72 15.28 -11.62
CA ILE A 34 8.44 14.42 -12.73
C ILE A 34 8.83 15.04 -14.07
N LEU A 35 8.60 16.33 -14.23
CA LEU A 35 8.94 17.00 -15.49
C LEU A 35 10.44 17.03 -15.73
N ARG A 36 11.18 17.22 -14.66
CA ARG A 36 12.64 17.26 -14.66
C ARG A 36 13.29 15.88 -14.70
N CYS A 37 12.78 14.93 -13.91
CA CYS A 37 13.47 13.67 -13.72
C CYS A 37 12.73 12.45 -14.16
N GLY A 38 11.47 12.57 -14.60
CA GLY A 38 10.74 11.38 -15.01
C GLY A 38 11.22 10.78 -16.33
N PHE A 39 10.90 9.51 -16.51
CA PHE A 39 11.25 8.82 -17.73
C PHE A 39 10.05 8.66 -18.59
N LYS A 40 10.23 8.73 -19.92
CA LYS A 40 9.10 8.43 -20.82
C LYS A 40 8.59 7.01 -20.59
N LYS A 41 7.30 6.83 -20.63
CA LYS A 41 6.72 5.53 -20.39
C LYS A 41 5.35 5.53 -21.02
N GLU A 42 4.95 4.48 -21.70
CA GLU A 42 3.60 4.44 -22.24
C GLU A 42 2.58 3.77 -21.33
N ASP A 43 1.32 4.14 -21.50
CA ASP A 43 0.18 3.55 -20.78
C ASP A 43 -0.54 2.51 -21.69
N ARG A 44 -1.76 2.09 -21.33
CA ARG A 44 -2.41 0.91 -21.94
C ARG A 44 -2.76 1.10 -23.39
N THR A 45 -2.97 2.35 -23.78
CA THR A 45 -3.28 2.72 -25.13
C THR A 45 -2.04 3.05 -25.99
N GLY A 46 -0.88 2.86 -25.43
CA GLY A 46 0.36 3.24 -26.10
C GLY A 46 0.52 4.75 -26.13
N THR A 47 -0.18 5.49 -25.25
CA THR A 47 0.02 6.97 -25.20
C THR A 47 1.05 7.39 -24.11
N GLY A 48 1.85 8.40 -24.39
CA GLY A 48 3.09 8.64 -23.62
C GLY A 48 2.86 9.43 -22.34
N THR A 49 3.68 9.14 -21.33
CA THR A 49 3.75 9.90 -20.09
C THR A 49 5.20 10.14 -19.73
N LEU A 50 5.44 11.05 -18.80
CA LEU A 50 6.68 11.07 -18.03
C LEU A 50 6.30 10.55 -16.65
N SER A 51 7.12 9.69 -16.09
CA SER A 51 6.73 8.90 -14.96
C SER A 51 7.87 8.79 -13.92
N VAL A 52 7.50 8.73 -12.67
CA VAL A 52 8.41 8.42 -11.61
C VAL A 52 7.72 7.41 -10.73
N PHE A 53 8.45 6.44 -10.24
CA PHE A 53 7.87 5.42 -9.39
C PHE A 53 8.19 5.69 -7.92
N GLY A 54 7.17 5.87 -7.12
CA GLY A 54 7.40 6.06 -5.70
C GLY A 54 7.49 7.53 -5.31
N MET A 55 6.42 8.09 -4.77
CA MET A 55 6.44 9.41 -4.15
C MET A 55 5.54 9.45 -2.91
N GLN A 56 5.68 10.49 -2.09
CA GLN A 56 4.89 10.62 -0.90
C GLN A 56 4.77 12.07 -0.55
N ALA A 57 3.53 12.50 -0.21
CA ALA A 57 3.29 13.82 0.33
C ALA A 57 2.43 13.72 1.61
N ARG A 58 2.45 14.75 2.44
CA ARG A 58 1.66 14.84 3.64
C ARG A 58 0.83 16.11 3.64
N TYR A 59 -0.50 15.95 3.65
CA TYR A 59 -1.41 17.14 3.62
C TYR A 59 -2.04 17.22 5.00
N SER A 60 -1.78 18.30 5.73
CA SER A 60 -2.43 18.54 7.01
C SER A 60 -3.91 18.73 6.80
N LEU A 61 -4.69 18.16 7.71
CA LEU A 61 -6.14 18.29 7.72
C LEU A 61 -6.64 19.17 8.85
N ARG A 62 -5.72 19.79 9.54
CA ARG A 62 -5.97 20.49 10.84
C ARG A 62 -6.46 21.90 10.56
N ASP A 63 -7.76 22.09 10.76
CA ASP A 63 -8.36 23.40 10.44
C ASP A 63 -8.23 23.87 8.99
N GLU A 64 -8.02 22.95 8.03
CA GLU A 64 -8.15 23.29 6.63
C GLU A 64 -8.36 22.03 5.85
N PHE A 65 -8.64 22.19 4.59
CA PHE A 65 -9.02 21.05 3.78
C PHE A 65 -8.25 21.15 2.48
N PRO A 66 -7.44 20.10 2.15
CA PRO A 66 -6.54 20.29 0.98
C PRO A 66 -7.26 20.06 -0.37
N LEU A 67 -8.04 21.06 -0.81
CA LEU A 67 -8.68 21.03 -2.10
C LEU A 67 -7.81 22.00 -2.91
N LEU A 68 -7.11 21.49 -3.92
CA LEU A 68 -6.00 22.27 -4.49
C LEU A 68 -6.54 23.52 -5.15
N THR A 69 -5.69 24.54 -5.20
CA THR A 69 -6.16 25.85 -5.66
C THR A 69 -5.49 26.38 -6.90
N THR A 70 -4.43 25.73 -7.35
CA THR A 70 -3.76 26.16 -8.57
C THR A 70 -4.49 25.70 -9.80
N LYS A 71 -5.43 24.76 -9.67
CA LYS A 71 -6.36 24.48 -10.77
C LYS A 71 -7.58 23.96 -10.03
N ARG A 72 -8.76 24.38 -10.46
CA ARG A 72 -10.00 23.96 -9.80
C ARG A 72 -10.20 22.43 -9.76
N VAL A 73 -10.60 21.92 -8.59
CA VAL A 73 -10.90 20.49 -8.47
C VAL A 73 -12.47 20.39 -8.48
N PHE A 74 -12.99 19.34 -9.08
CA PHE A 74 -14.45 19.11 -9.22
C PHE A 74 -15.03 18.52 -7.90
N TRP A 75 -15.20 19.39 -6.90
CA TRP A 75 -15.56 19.02 -5.51
C TRP A 75 -16.93 18.27 -5.48
N LYS A 76 -17.84 18.69 -6.35
CA LYS A 76 -19.17 18.04 -6.35
C LYS A 76 -18.93 16.62 -6.74
N GLY A 77 -18.11 16.40 -7.77
CA GLY A 77 -17.78 15.02 -8.11
C GLY A 77 -17.04 14.25 -7.02
N VAL A 78 -16.11 14.88 -6.31
CA VAL A 78 -15.47 14.23 -5.17
C VAL A 78 -16.49 13.74 -4.14
N LEU A 79 -17.37 14.61 -3.71
CA LEU A 79 -18.32 14.27 -2.68
C LEU A 79 -19.32 13.20 -3.13
N GLU A 80 -19.93 13.38 -4.28
CA GLU A 80 -20.90 12.41 -4.76
C GLU A 80 -20.25 11.07 -5.02
N GLU A 81 -19.02 11.07 -5.54
CA GLU A 81 -18.37 9.79 -5.75
C GLU A 81 -18.17 9.06 -4.48
N LEU A 82 -17.74 9.73 -3.44
CA LEU A 82 -17.51 9.07 -2.20
C LEU A 82 -18.80 8.52 -1.55
N LEU A 83 -19.87 9.27 -1.62
CA LEU A 83 -21.12 8.79 -1.07
C LEU A 83 -21.59 7.55 -1.78
N TRP A 84 -21.36 7.51 -3.06
CA TRP A 84 -21.63 6.39 -3.96
C TRP A 84 -20.81 5.16 -3.62
N PHE A 85 -19.49 5.32 -3.36
CA PHE A 85 -18.75 4.20 -2.78
C PHE A 85 -19.34 3.70 -1.48
N ILE A 86 -19.63 4.63 -0.59
CA ILE A 86 -20.07 4.25 0.72
C ILE A 86 -21.42 3.44 0.63
N LYS A 87 -22.29 3.79 -0.27
CA LYS A 87 -23.48 2.98 -0.40
C LYS A 87 -23.27 1.66 -1.05
N GLY A 88 -22.02 1.35 -1.41
CA GLY A 88 -21.69 0.08 -2.05
C GLY A 88 -22.11 -0.08 -3.49
N SER A 89 -22.46 0.99 -4.14
CA SER A 89 -22.94 0.91 -5.49
C SER A 89 -21.87 0.59 -6.50
N THR A 90 -22.22 -0.19 -7.50
CA THR A 90 -21.31 -0.43 -8.62
C THR A 90 -21.94 -0.05 -9.94
N ASN A 91 -22.98 0.75 -9.89
CA ASN A 91 -23.65 1.19 -11.09
C ASN A 91 -23.23 2.59 -11.45
N ALA A 92 -22.57 2.75 -12.58
CA ALA A 92 -22.13 4.09 -12.99
C ALA A 92 -23.31 5.06 -13.17
N LYS A 93 -24.47 4.55 -13.57
CA LYS A 93 -25.64 5.35 -13.75
C LYS A 93 -26.08 5.96 -12.43
N GLU A 94 -25.86 5.27 -11.32
CA GLU A 94 -26.30 5.83 -10.07
C GLU A 94 -25.46 7.08 -9.64
N LEU A 95 -24.23 7.15 -10.14
CA LEU A 95 -23.41 8.38 -9.85
C LEU A 95 -23.74 9.38 -10.91
N SER A 96 -23.87 8.93 -12.14
CA SER A 96 -24.13 9.85 -13.25
C SER A 96 -25.41 10.68 -12.97
N SER A 97 -26.36 10.05 -12.26
CA SER A 97 -27.70 10.67 -12.03
C SER A 97 -27.54 11.80 -11.01
N LYS A 98 -26.35 11.89 -10.41
CA LYS A 98 -26.10 13.04 -9.52
C LYS A 98 -25.46 14.16 -10.33
N GLY A 99 -25.28 13.92 -11.62
CA GLY A 99 -24.57 14.90 -12.46
C GLY A 99 -23.03 14.78 -12.34
N VAL A 100 -22.60 13.61 -11.93
CA VAL A 100 -21.16 13.26 -11.94
C VAL A 100 -20.89 12.12 -12.92
N ARG A 101 -20.32 12.46 -14.05
CA ARG A 101 -20.19 11.54 -15.15
C ARG A 101 -18.86 10.82 -15.31
N ILE A 102 -18.01 10.89 -14.29
CA ILE A 102 -16.58 10.48 -14.45
C ILE A 102 -16.46 8.96 -14.65
N TRP A 103 -17.44 8.17 -14.21
CA TRP A 103 -17.32 6.73 -14.41
C TRP A 103 -18.13 6.20 -15.58
N ASP A 104 -18.76 7.08 -16.35
CA ASP A 104 -19.74 6.69 -17.42
C ASP A 104 -19.03 6.01 -18.58
N ALA A 105 -17.85 6.52 -18.94
CA ALA A 105 -17.14 5.81 -20.02
C ALA A 105 -16.82 4.36 -19.69
N ASN A 106 -16.39 4.07 -18.46
CA ASN A 106 -16.04 2.72 -18.02
C ASN A 106 -17.20 1.73 -17.91
N GLY A 107 -18.42 2.23 -17.90
CA GLY A 107 -19.61 1.36 -17.85
C GLY A 107 -20.42 1.38 -19.14
N SER A 108 -19.86 2.01 -20.16
CA SER A 108 -20.55 2.12 -21.47
C SER A 108 -20.66 0.76 -22.12
N ARG A 109 -21.64 0.61 -23.01
CA ARG A 109 -21.88 -0.66 -23.73
C ARG A 109 -20.64 -1.12 -24.50
N ASP A 110 -19.95 -0.19 -25.11
CA ASP A 110 -18.85 -0.55 -26.00
C ASP A 110 -17.61 -0.84 -25.18
N PHE A 111 -17.42 -0.13 -24.07
CA PHE A 111 -16.25 -0.47 -23.22
C PHE A 111 -16.47 -1.86 -22.57
N LEU A 112 -17.67 -2.13 -22.02
CA LEU A 112 -17.95 -3.42 -21.41
C LEU A 112 -17.78 -4.56 -22.41
N ASP A 113 -18.28 -4.37 -23.62
CA ASP A 113 -18.16 -5.41 -24.66
C ASP A 113 -16.67 -5.70 -24.99
N SER A 114 -15.87 -4.66 -25.11
CA SER A 114 -14.44 -4.81 -25.35
C SER A 114 -13.69 -5.57 -24.24
N LEU A 115 -14.33 -5.81 -23.09
CA LEU A 115 -13.74 -6.59 -22.00
C LEU A 115 -14.41 -7.97 -21.92
N GLY A 116 -15.31 -8.24 -22.86
CA GLY A 116 -16.07 -9.48 -22.86
C GLY A 116 -17.20 -9.55 -21.86
N PHE A 117 -17.71 -8.39 -21.39
CA PHE A 117 -18.88 -8.36 -20.48
C PHE A 117 -20.20 -8.07 -21.25
N SER A 118 -20.46 -8.80 -22.35
CA SER A 118 -21.69 -8.55 -23.13
C SER A 118 -23.00 -8.88 -22.41
N ALA A 119 -22.96 -9.75 -21.40
CA ALA A 119 -24.18 -10.11 -20.68
C ALA A 119 -24.56 -9.02 -19.69
N ARG A 120 -23.63 -8.06 -19.45
CA ARG A 120 -23.84 -7.00 -18.46
C ARG A 120 -24.72 -5.87 -18.97
N GLN A 121 -25.60 -5.37 -18.09
CA GLN A 121 -26.36 -4.16 -18.29
C GLN A 121 -25.40 -2.97 -18.33
N GLU A 122 -25.82 -1.89 -18.97
CA GLU A 122 -24.91 -0.79 -19.19
C GLU A 122 -24.81 -0.06 -17.88
N GLY A 123 -23.60 0.40 -17.59
CA GLY A 123 -23.37 1.00 -16.27
C GLY A 123 -22.76 0.03 -15.25
N ASP A 124 -22.80 -1.27 -15.51
CA ASP A 124 -22.41 -2.26 -14.52
C ASP A 124 -20.84 -2.36 -14.53
N LEU A 125 -20.21 -1.71 -13.54
CA LEU A 125 -18.71 -1.64 -13.46
C LEU A 125 -18.07 -2.91 -12.95
N GLY A 126 -18.88 -3.83 -12.41
CA GLY A 126 -18.35 -5.04 -11.76
C GLY A 126 -17.96 -4.72 -10.32
N PRO A 127 -17.30 -5.65 -9.61
CA PRO A 127 -17.07 -5.48 -8.18
C PRO A 127 -15.89 -4.48 -7.86
N VAL A 128 -16.10 -3.22 -8.18
CA VAL A 128 -15.16 -2.11 -7.87
C VAL A 128 -15.32 -1.54 -6.50
N TYR A 129 -14.89 -0.30 -6.25
CA TYR A 129 -14.61 0.12 -4.87
C TYR A 129 -15.70 -0.09 -3.86
N GLY A 130 -16.89 0.49 -4.12
CA GLY A 130 -17.94 0.36 -3.17
C GLY A 130 -18.19 -1.07 -2.75
N PHE A 131 -18.23 -1.97 -3.72
CA PHE A 131 -18.48 -3.40 -3.45
C PHE A 131 -17.35 -3.99 -2.55
N GLN A 132 -16.08 -3.69 -2.87
CA GLN A 132 -15.01 -4.26 -2.04
C GLN A 132 -14.99 -3.70 -0.66
N TRP A 133 -15.27 -2.41 -0.53
CA TRP A 133 -15.27 -1.71 0.76
C TRP A 133 -16.34 -2.27 1.75
N ARG A 134 -17.50 -2.59 1.19
CA ARG A 134 -18.67 -3.07 1.99
C ARG A 134 -18.95 -4.59 1.99
N HIS A 135 -18.42 -5.30 1.02
CA HIS A 135 -18.72 -6.70 0.78
C HIS A 135 -17.50 -7.48 0.34
N PHE A 136 -16.31 -7.14 0.81
CA PHE A 136 -15.15 -7.81 0.26
C PHE A 136 -15.35 -9.35 0.36
N GLY A 137 -15.02 -10.06 -0.69
CA GLY A 137 -15.02 -11.51 -0.64
C GLY A 137 -16.39 -12.15 -0.98
N ALA A 138 -17.46 -11.38 -1.06
CA ALA A 138 -18.73 -11.90 -1.50
C ALA A 138 -18.76 -12.20 -2.98
N GLU A 139 -19.71 -12.98 -3.43
CA GLU A 139 -19.63 -13.44 -4.79
C GLU A 139 -20.42 -12.44 -5.63
N TYR A 140 -19.77 -11.82 -6.59
CA TYR A 140 -20.36 -10.77 -7.32
C TYR A 140 -21.20 -11.44 -8.40
N LYS A 141 -22.37 -10.88 -8.61
CA LYS A 141 -23.30 -11.38 -9.61
C LYS A 141 -23.57 -10.23 -10.56
N ASP A 142 -24.42 -9.27 -10.17
CA ASP A 142 -24.48 -8.01 -10.94
C ASP A 142 -24.75 -6.82 -10.05
N MET A 143 -24.87 -5.65 -10.66
CA MET A 143 -24.98 -4.38 -9.95
C MET A 143 -26.33 -4.21 -9.24
N ASP A 144 -27.30 -4.99 -9.71
CA ASP A 144 -28.63 -4.99 -9.05
C ASP A 144 -28.76 -5.99 -7.95
N SER A 145 -27.85 -6.96 -7.85
CA SER A 145 -27.99 -7.99 -6.79
C SER A 145 -28.05 -7.36 -5.41
N ASP A 146 -28.65 -8.07 -4.45
CA ASP A 146 -28.71 -7.60 -3.08
C ASP A 146 -27.58 -8.28 -2.32
N TYR A 147 -26.54 -7.52 -1.94
CA TYR A 147 -25.40 -8.09 -1.24
C TYR A 147 -25.45 -7.93 0.29
N SER A 148 -26.60 -7.50 0.81
CA SER A 148 -26.79 -7.35 2.29
C SER A 148 -26.28 -8.54 3.11
N GLY A 149 -25.41 -8.22 4.08
CA GLY A 149 -24.75 -9.21 4.95
C GLY A 149 -23.71 -10.09 4.32
N GLN A 150 -23.42 -9.90 3.04
CA GLN A 150 -22.38 -10.74 2.43
C GLN A 150 -21.00 -10.03 2.47
N GLY A 151 -19.95 -10.82 2.70
CA GLY A 151 -18.52 -10.45 2.54
C GLY A 151 -18.18 -9.63 3.75
N VAL A 152 -17.00 -8.98 3.73
CA VAL A 152 -16.54 -8.26 4.87
C VAL A 152 -16.83 -6.78 4.69
N ASP A 153 -17.52 -6.18 5.66
CA ASP A 153 -17.76 -4.74 5.64
C ASP A 153 -16.49 -4.05 6.18
N GLN A 154 -15.50 -3.86 5.31
CA GLN A 154 -14.26 -3.22 5.72
C GLN A 154 -14.49 -1.83 6.25
N LEU A 155 -15.36 -1.04 5.63
CA LEU A 155 -15.51 0.35 6.11
C LEU A 155 -16.04 0.37 7.54
N GLN A 156 -17.12 -0.40 7.81
CA GLN A 156 -17.58 -0.50 9.24
C GLN A 156 -16.57 -1.04 10.17
N LYS A 157 -15.82 -2.08 9.77
CA LYS A 157 -14.77 -2.58 10.68
C LYS A 157 -13.70 -1.52 10.99
N VAL A 158 -13.39 -0.68 10.01
CA VAL A 158 -12.41 0.39 10.23
C VAL A 158 -12.90 1.34 11.31
N ILE A 159 -14.12 1.83 11.14
CA ILE A 159 -14.78 2.68 12.10
C ILE A 159 -14.84 2.08 13.52
N ASP A 160 -15.17 0.79 13.64
CA ASP A 160 -15.41 0.18 14.96
C ASP A 160 -14.06 -0.02 15.59
N THR A 161 -13.04 -0.34 14.77
CA THR A 161 -11.72 -0.47 15.35
C THR A 161 -11.19 0.85 15.83
N ILE A 162 -11.40 1.91 15.07
CA ILE A 162 -10.91 3.23 15.49
C ILE A 162 -11.56 3.59 16.87
N LYS A 163 -12.85 3.32 17.02
CA LYS A 163 -13.55 3.58 18.29
C LYS A 163 -12.99 2.78 19.46
N THR A 164 -12.84 1.49 19.28
CA THR A 164 -12.44 0.61 20.39
C THR A 164 -10.96 0.42 20.60
N ASN A 165 -10.16 0.44 19.53
CA ASN A 165 -8.77 0.20 19.73
C ASN A 165 -7.94 1.20 18.90
N PRO A 166 -7.90 2.48 19.28
CA PRO A 166 -7.25 3.49 18.40
C PRO A 166 -5.74 3.25 18.15
N ASP A 167 -5.03 2.49 18.98
CA ASP A 167 -3.61 2.22 18.74
C ASP A 167 -3.37 1.15 17.68
N ASP A 168 -4.43 0.52 17.16
CA ASP A 168 -4.30 -0.64 16.32
C ASP A 168 -3.49 -0.24 15.08
N ARG A 169 -2.54 -1.10 14.67
CA ARG A 169 -1.74 -0.91 13.50
C ARG A 169 -2.26 -1.70 12.32
N ARG A 170 -3.53 -2.08 12.33
CA ARG A 170 -4.05 -2.99 11.32
C ARG A 170 -5.29 -2.39 10.74
N ILE A 171 -5.45 -1.06 10.84
CA ILE A 171 -6.71 -0.47 10.45
C ILE A 171 -6.66 -0.15 8.93
N ILE A 172 -7.08 -1.12 8.11
CA ILE A 172 -6.80 -1.09 6.66
C ILE A 172 -8.13 -1.36 5.92
N MET A 173 -8.39 -0.63 4.86
CA MET A 173 -9.45 -0.95 3.94
C MET A 173 -8.80 -1.19 2.61
N CYS A 174 -9.04 -2.35 1.99
CA CYS A 174 -8.29 -2.69 0.76
C CYS A 174 -9.25 -2.99 -0.41
N ALA A 175 -9.14 -2.27 -1.51
CA ALA A 175 -10.06 -2.42 -2.64
C ALA A 175 -9.42 -3.40 -3.59
N TRP A 176 -8.10 -3.61 -3.42
CA TRP A 176 -7.40 -4.51 -4.31
C TRP A 176 -7.82 -5.96 -3.99
N ASN A 177 -8.53 -6.64 -4.90
CA ASN A 177 -9.06 -8.02 -4.63
C ASN A 177 -8.69 -8.86 -5.80
N PRO A 178 -7.53 -9.53 -5.73
CA PRO A 178 -6.92 -10.30 -6.82
C PRO A 178 -7.95 -11.29 -7.42
N LYS A 179 -8.85 -11.81 -6.60
CA LYS A 179 -9.84 -12.82 -7.04
C LYS A 179 -10.90 -12.17 -7.95
N ASP A 180 -11.32 -10.92 -7.59
CA ASP A 180 -12.30 -10.12 -8.39
C ASP A 180 -11.75 -9.27 -9.54
N LEU A 181 -10.43 -9.09 -9.61
CA LEU A 181 -9.88 -8.21 -10.67
C LEU A 181 -10.43 -8.49 -12.06
N PRO A 182 -10.45 -9.77 -12.47
CA PRO A 182 -10.94 -9.96 -13.87
C PRO A 182 -12.38 -9.51 -14.10
N LEU A 183 -13.17 -9.33 -13.05
CA LEU A 183 -14.54 -8.86 -13.22
C LEU A 183 -14.71 -7.34 -13.28
N MET A 184 -13.69 -6.61 -12.93
CA MET A 184 -13.79 -5.19 -12.77
C MET A 184 -13.64 -4.51 -14.10
N ALA A 185 -14.38 -3.43 -14.30
CA ALA A 185 -14.19 -2.67 -15.51
C ALA A 185 -12.81 -2.01 -15.48
N LEU A 186 -12.27 -1.73 -14.26
CA LEU A 186 -10.91 -1.20 -14.05
C LEU A 186 -10.43 -1.71 -12.72
N PRO A 187 -9.17 -2.23 -12.59
CA PRO A 187 -8.65 -2.51 -11.21
C PRO A 187 -8.53 -1.18 -10.44
N PRO A 188 -8.70 -1.18 -9.11
CA PRO A 188 -8.73 0.13 -8.43
C PRO A 188 -7.32 0.77 -8.50
N CYS A 189 -7.24 2.09 -8.72
CA CYS A 189 -5.92 2.79 -8.60
C CYS A 189 -5.72 3.02 -7.12
N HIS A 190 -6.78 3.22 -6.36
CA HIS A 190 -6.63 3.35 -4.93
C HIS A 190 -6.63 2.05 -4.20
N ALA A 191 -5.44 1.49 -4.00
CA ALA A 191 -5.28 0.06 -3.80
C ALA A 191 -5.64 -0.35 -2.37
N LEU A 192 -5.11 0.38 -1.41
CA LEU A 192 -5.62 0.34 -0.04
C LEU A 192 -5.31 1.63 0.70
N CYS A 193 -6.03 1.85 1.81
CA CYS A 193 -5.68 2.92 2.74
C CYS A 193 -5.56 2.38 4.16
N GLN A 194 -4.80 3.10 5.00
CA GLN A 194 -4.66 2.73 6.42
C GLN A 194 -4.99 3.97 7.26
N PHE A 195 -5.58 3.77 8.44
CA PHE A 195 -5.90 4.84 9.32
C PHE A 195 -5.03 4.67 10.54
N TYR A 196 -4.89 5.72 11.32
CA TYR A 196 -3.92 5.80 12.40
C TYR A 196 -4.43 6.82 13.39
N VAL A 197 -4.36 6.53 14.68
CA VAL A 197 -4.79 7.47 15.70
C VAL A 197 -3.65 7.78 16.68
N VAL A 198 -3.39 9.04 16.90
CA VAL A 198 -2.59 9.43 18.09
C VAL A 198 -3.00 10.85 18.50
N ASN A 199 -2.98 11.13 19.80
CA ASN A 199 -3.22 12.53 20.28
C ASN A 199 -4.59 13.05 19.85
N GLY A 200 -5.54 12.15 19.83
CA GLY A 200 -6.92 12.45 19.48
C GLY A 200 -7.16 12.78 18.03
N GLU A 201 -6.24 12.42 17.18
CA GLU A 201 -6.32 12.83 15.76
C GLU A 201 -6.28 11.62 14.85
N LEU A 202 -7.12 11.64 13.81
CA LEU A 202 -7.21 10.51 12.90
C LEU A 202 -6.46 10.86 11.63
N SER A 203 -5.46 10.04 11.25
CA SER A 203 -4.78 10.23 9.96
C SER A 203 -5.09 9.08 9.01
N CYS A 204 -4.85 9.29 7.74
CA CYS A 204 -5.09 8.27 6.74
C CYS A 204 -3.95 8.30 5.73
N GLN A 205 -3.50 7.12 5.37
CA GLN A 205 -2.53 6.99 4.23
C GLN A 205 -3.15 6.17 3.10
N LEU A 206 -3.10 6.71 1.89
CA LEU A 206 -3.49 6.01 0.70
C LEU A 206 -2.28 5.48 -0.06
N TYR A 207 -2.33 4.22 -0.44
CA TYR A 207 -1.46 3.69 -1.47
C TYR A 207 -2.13 3.75 -2.82
N GLN A 208 -1.73 4.69 -3.68
CA GLN A 208 -2.32 4.81 -4.99
C GLN A 208 -1.31 4.25 -6.02
N ARG A 209 -1.63 3.09 -6.64
CA ARG A 209 -0.71 2.41 -7.57
C ARG A 209 -0.38 3.22 -8.86
N SER A 210 -1.25 4.16 -9.24
CA SER A 210 -1.14 4.83 -10.52
C SER A 210 -1.76 6.22 -10.32
N GLY A 211 -1.01 7.27 -10.60
CA GLY A 211 -1.52 8.62 -10.36
C GLY A 211 -1.26 9.54 -11.56
N ASP A 212 -2.33 10.07 -12.17
CA ASP A 212 -2.26 11.04 -13.21
C ASP A 212 -2.21 12.37 -12.54
N MET A 213 -1.00 12.96 -12.46
CA MET A 213 -0.80 14.18 -11.75
C MET A 213 -1.73 15.30 -12.16
N GLY A 214 -1.95 15.43 -13.47
CA GLY A 214 -2.70 16.53 -14.04
C GLY A 214 -4.23 16.47 -13.86
N LEU A 215 -4.82 15.27 -13.84
CA LEU A 215 -6.27 15.12 -13.87
C LEU A 215 -6.76 14.45 -12.63
N GLY A 216 -6.19 13.31 -12.26
CA GLY A 216 -6.76 12.57 -11.19
C GLY A 216 -6.24 12.88 -9.79
N VAL A 217 -4.93 13.01 -9.63
CA VAL A 217 -4.36 13.21 -8.32
C VAL A 217 -5.01 14.26 -7.39
N PRO A 218 -5.25 15.46 -7.86
CA PRO A 218 -5.87 16.48 -6.99
C PRO A 218 -7.29 16.03 -6.47
N PHE A 219 -8.06 15.37 -7.38
CA PHE A 219 -9.37 14.81 -7.02
C PHE A 219 -9.16 13.66 -5.99
N ASN A 220 -8.17 12.80 -6.17
CA ASN A 220 -8.00 11.69 -5.20
C ASN A 220 -7.61 12.17 -3.82
N ILE A 221 -6.76 13.21 -3.78
CA ILE A 221 -6.33 13.80 -2.50
C ILE A 221 -7.61 14.30 -1.77
N ALA A 222 -8.47 15.04 -2.48
CA ALA A 222 -9.66 15.59 -1.86
C ALA A 222 -10.55 14.39 -1.43
N SER A 223 -10.62 13.35 -2.25
CA SER A 223 -11.46 12.18 -1.87
C SER A 223 -11.08 11.56 -0.52
N TYR A 224 -9.76 11.33 -0.27
CA TYR A 224 -9.42 10.64 0.89
C TYR A 224 -9.33 11.60 2.04
N ALA A 225 -9.06 12.89 1.77
CA ALA A 225 -9.15 13.77 2.91
C ALA A 225 -10.64 13.89 3.38
N LEU A 226 -11.58 13.87 2.45
CA LEU A 226 -12.97 13.89 2.82
C LEU A 226 -13.37 12.68 3.67
N LEU A 227 -12.98 11.50 3.24
CA LEU A 227 -13.21 10.29 3.99
C LEU A 227 -12.66 10.39 5.39
N THR A 228 -11.49 10.96 5.52
CA THR A 228 -10.91 11.12 6.81
C THR A 228 -11.75 12.03 7.67
N TYR A 229 -12.21 13.13 7.12
CA TYR A 229 -13.06 14.04 7.84
C TYR A 229 -14.32 13.32 8.29
N MET A 230 -14.88 12.55 7.40
CA MET A 230 -16.17 11.84 7.73
C MET A 230 -15.99 10.82 8.83
N ILE A 231 -14.93 10.02 8.73
CA ILE A 231 -14.68 9.02 9.77
C ILE A 231 -14.29 9.67 11.14
N ALA A 232 -13.52 10.76 11.12
CA ALA A 232 -13.10 11.42 12.37
C ALA A 232 -14.37 11.98 13.01
N HIS A 233 -15.24 12.56 12.21
CA HIS A 233 -16.55 13.06 12.75
C HIS A 233 -17.32 11.96 13.47
N ILE A 234 -17.47 10.78 12.87
CA ILE A 234 -18.26 9.79 13.58
C ILE A 234 -17.56 9.05 14.72
N THR A 235 -16.23 9.16 14.83
CA THR A 235 -15.53 8.46 15.87
C THR A 235 -15.12 9.43 16.93
N GLY A 236 -15.53 10.68 16.79
CA GLY A 236 -15.27 11.68 17.82
C GLY A 236 -13.81 12.18 17.85
N LEU A 237 -13.11 12.11 16.70
CA LEU A 237 -11.73 12.54 16.68
C LEU A 237 -11.56 13.77 15.81
N GLN A 238 -10.40 14.39 15.82
CA GLN A 238 -10.11 15.47 14.91
C GLN A 238 -9.25 14.97 13.74
N PRO A 239 -9.44 15.51 12.54
CA PRO A 239 -8.57 15.10 11.40
C PRO A 239 -7.10 15.48 11.68
N GLY A 240 -6.17 14.55 11.34
CA GLY A 240 -4.73 14.76 11.54
C GLY A 240 -4.09 15.09 10.20
N ASP A 241 -3.54 14.06 9.57
CA ASP A 241 -2.92 14.20 8.27
C ASP A 241 -3.51 13.24 7.23
N PHE A 242 -3.42 13.64 5.97
CA PHE A 242 -3.53 12.72 4.91
C PHE A 242 -2.17 12.50 4.22
N VAL A 243 -1.73 11.27 4.20
CA VAL A 243 -0.45 10.92 3.64
C VAL A 243 -0.72 10.24 2.29
N HIS A 244 -0.25 10.86 1.24
CA HIS A 244 -0.52 10.40 -0.07
C HIS A 244 0.68 9.64 -0.62
N THR A 245 0.52 8.35 -0.89
CA THR A 245 1.69 7.58 -1.44
C THR A 245 1.37 7.12 -2.86
N LEU A 246 2.25 7.44 -3.82
CA LEU A 246 2.08 6.97 -5.20
C LEU A 246 3.05 5.87 -5.64
N GLY A 247 2.56 5.01 -6.50
CA GLY A 247 3.36 4.10 -7.27
C GLY A 247 3.80 4.71 -8.58
N ASP A 248 3.10 4.39 -9.66
CA ASP A 248 3.40 5.12 -10.91
C ASP A 248 2.83 6.53 -11.00
N ALA A 249 3.64 7.51 -10.66
CA ALA A 249 3.20 8.87 -10.66
C ALA A 249 3.50 9.46 -12.01
N HIS A 250 2.51 9.94 -12.75
CA HIS A 250 2.86 10.29 -14.13
C HIS A 250 2.16 11.54 -14.65
N ILE A 251 2.69 12.13 -15.74
CA ILE A 251 2.08 13.26 -16.39
C ILE A 251 1.94 12.94 -17.85
N TYR A 252 0.74 13.03 -18.41
CA TYR A 252 0.61 12.85 -19.88
C TYR A 252 1.39 13.92 -20.66
N LEU A 253 2.09 13.49 -21.70
CA LEU A 253 2.97 14.38 -22.50
C LEU A 253 2.23 15.62 -23.03
N ASN A 254 0.97 15.44 -23.43
CA ASN A 254 0.13 16.57 -23.81
C ASN A 254 -0.61 17.25 -22.66
N HIS A 255 -0.08 17.11 -21.45
CA HIS A 255 -0.35 18.05 -20.36
C HIS A 255 0.87 18.85 -19.90
N ILE A 256 2.01 18.71 -20.56
CA ILE A 256 3.21 19.35 -20.00
C ILE A 256 3.14 20.90 -19.98
N GLU A 257 2.73 21.49 -21.11
CA GLU A 257 2.62 22.96 -21.18
C GLU A 257 1.56 23.54 -20.27
N PRO A 258 0.30 23.01 -20.27
CA PRO A 258 -0.61 23.57 -19.27
C PRO A 258 -0.07 23.42 -17.84
N LEU A 259 0.79 22.42 -17.57
CA LEU A 259 1.21 22.22 -16.19
C LEU A 259 2.30 23.23 -15.81
N LYS A 260 3.18 23.51 -16.77
CA LYS A 260 4.30 24.47 -16.60
C LYS A 260 3.84 25.87 -16.28
N ILE A 261 2.68 26.24 -16.80
CA ILE A 261 1.95 27.47 -16.42
C ILE A 261 1.31 27.39 -15.02
N GLN A 262 0.62 26.27 -14.72
CA GLN A 262 0.01 26.07 -13.39
C GLN A 262 1.09 26.09 -12.36
N LEU A 263 2.27 25.58 -12.73
CA LEU A 263 3.42 25.59 -11.83
C LEU A 263 3.94 26.99 -11.46
N GLN A 264 3.58 28.00 -12.22
CA GLN A 264 3.95 29.39 -11.84
C GLN A 264 3.04 30.03 -10.83
N ARG A 265 1.82 29.47 -10.66
CA ARG A 265 0.79 30.00 -9.77
C ARG A 265 1.06 29.78 -8.31
N GLU A 266 0.90 30.85 -7.56
CA GLU A 266 1.00 30.82 -6.11
C GLU A 266 -0.31 30.21 -5.57
N PRO A 267 -0.22 29.17 -4.75
CA PRO A 267 -1.46 28.57 -4.18
C PRO A 267 -2.19 29.59 -3.26
N ARG A 268 -3.52 29.58 -3.27
CA ARG A 268 -4.28 30.34 -2.33
C ARG A 268 -4.48 29.52 -1.02
N PRO A 269 -4.64 30.20 0.12
CA PRO A 269 -4.94 29.44 1.32
C PRO A 269 -6.00 28.38 1.04
N PHE A 270 -5.82 27.19 1.62
CA PHE A 270 -6.79 26.13 1.45
C PHE A 270 -8.12 26.53 2.10
N PRO A 271 -9.22 26.02 1.56
CA PRO A 271 -10.53 26.21 2.17
C PRO A 271 -10.73 25.40 3.45
N LYS A 272 -11.90 25.56 4.09
CA LYS A 272 -12.25 24.75 5.23
C LYS A 272 -13.40 23.89 4.79
N LEU A 273 -13.54 22.74 5.42
CA LEU A 273 -14.68 21.87 5.15
C LEU A 273 -15.46 21.89 6.44
N LYS A 274 -16.77 22.12 6.34
CA LYS A 274 -17.64 22.15 7.53
C LYS A 274 -18.66 21.09 7.42
N ILE A 275 -18.90 20.32 8.49
CA ILE A 275 -19.95 19.29 8.48
C ILE A 275 -21.12 19.89 9.29
N LEU A 276 -22.28 19.98 8.65
CA LEU A 276 -23.34 20.93 9.10
C LEU A 276 -24.29 20.36 10.14
N ARG A 277 -24.10 19.10 10.52
CA ARG A 277 -24.84 18.50 11.68
C ARG A 277 -24.12 17.29 12.27
N LYS A 278 -24.54 16.89 13.47
CA LYS A 278 -24.01 15.67 14.08
C LYS A 278 -24.54 14.45 13.33
N VAL A 279 -23.63 13.61 12.85
CA VAL A 279 -23.99 12.46 12.07
C VAL A 279 -23.47 11.25 12.77
N GLU A 280 -24.22 10.17 12.76
CA GLU A 280 -23.97 9.10 13.72
C GLU A 280 -23.28 7.93 13.09
N THR A 281 -23.60 7.67 11.83
CA THR A 281 -23.08 6.46 11.13
C THR A 281 -22.66 6.91 9.75
N ILE A 282 -21.67 6.25 9.17
CA ILE A 282 -21.13 6.62 7.84
C ILE A 282 -22.21 6.62 6.75
N ASP A 283 -23.13 5.67 6.85
CA ASP A 283 -24.25 5.56 5.88
C ASP A 283 -25.24 6.73 5.88
N ASP A 284 -25.22 7.50 6.95
CA ASP A 284 -26.20 8.61 7.19
C ASP A 284 -25.74 9.97 6.57
N PHE A 285 -24.50 10.11 6.10
CA PHE A 285 -24.04 11.33 5.44
C PHE A 285 -24.78 11.58 4.11
N LYS A 286 -25.12 12.83 3.84
CA LYS A 286 -25.75 13.31 2.60
C LYS A 286 -25.02 14.53 2.13
N VAL A 287 -25.10 14.84 0.84
CA VAL A 287 -24.42 16.04 0.29
C VAL A 287 -24.60 17.32 1.09
N GLU A 288 -25.80 17.52 1.59
CA GLU A 288 -26.16 18.75 2.26
C GLU A 288 -25.51 18.85 3.58
N ASP A 289 -24.96 17.77 4.09
CA ASP A 289 -24.28 17.85 5.36
C ASP A 289 -22.95 18.59 5.27
N PHE A 290 -22.49 18.86 4.07
CA PHE A 290 -21.11 19.42 3.89
C PHE A 290 -21.09 20.82 3.27
N GLN A 291 -20.07 21.61 3.59
CA GLN A 291 -19.88 22.89 2.97
C GLN A 291 -18.42 23.24 2.92
N ILE A 292 -17.91 23.56 1.73
CA ILE A 292 -16.53 23.97 1.55
C ILE A 292 -16.61 25.51 1.66
N GLU A 293 -15.72 26.11 2.46
CA GLU A 293 -15.77 27.51 2.80
C GLU A 293 -14.48 28.14 2.31
N GLY A 294 -14.60 29.25 1.56
CA GLY A 294 -13.39 30.00 1.15
C GLY A 294 -12.55 29.26 0.11
N TYR A 295 -13.19 28.53 -0.78
CA TYR A 295 -12.44 27.92 -1.89
C TYR A 295 -12.27 28.90 -3.05
N ASN A 296 -11.04 29.30 -3.34
CA ASN A 296 -10.72 30.31 -4.39
C ASN A 296 -9.67 29.86 -5.35
N PRO A 297 -10.01 28.91 -6.22
CA PRO A 297 -8.99 28.38 -7.09
C PRO A 297 -8.69 29.36 -8.19
N HIS A 298 -7.47 29.32 -8.71
CA HIS A 298 -7.10 29.98 -9.95
C HIS A 298 -7.99 29.53 -11.13
N PRO A 299 -8.12 30.40 -12.19
CA PRO A 299 -9.00 30.07 -13.34
C PRO A 299 -8.39 29.11 -14.37
N THR A 300 -9.30 28.47 -15.12
CA THR A 300 -8.97 27.66 -16.28
C THR A 300 -7.88 28.31 -17.16
N ARG B 21 24.61 10.28 -2.00
CA ARG B 21 24.98 9.79 -0.67
C ARG B 21 24.60 8.32 -0.44
N HIS B 22 25.30 7.68 0.49
CA HIS B 22 24.97 6.36 0.96
C HIS B 22 23.48 6.12 1.27
N GLY B 23 22.93 5.08 0.66
CA GLY B 23 21.48 4.77 0.77
C GLY B 23 21.07 4.50 2.21
N GLU B 24 22.01 4.04 3.03
CA GLU B 24 21.67 3.74 4.42
C GLU B 24 21.36 4.99 5.26
N LEU B 25 21.84 6.15 4.82
CA LEU B 25 21.59 7.41 5.51
C LEU B 25 20.07 7.65 5.64
N GLN B 26 19.32 7.19 4.63
CA GLN B 26 17.87 7.31 4.64
C GLN B 26 17.27 6.63 5.87
N TYR B 27 17.65 5.38 6.10
CA TYR B 27 17.20 4.65 7.26
C TYR B 27 17.57 5.35 8.62
N LEU B 28 18.84 5.72 8.75
CA LEU B 28 19.32 6.44 9.96
C LEU B 28 18.58 7.72 10.19
N ARG B 29 18.35 8.45 9.13
CA ARG B 29 17.61 9.67 9.20
C ARG B 29 16.11 9.45 9.61
N GLN B 30 15.57 8.28 9.24
CA GLN B 30 14.18 7.97 9.59
C GLN B 30 14.20 7.66 11.07
N VAL B 31 15.19 6.94 11.53
CA VAL B 31 15.32 6.69 12.95
C VAL B 31 15.42 7.99 13.74
N GLU B 32 16.29 8.87 13.30
CA GLU B 32 16.50 10.20 13.91
C GLU B 32 15.20 11.01 13.95
N HIS B 33 14.49 11.09 12.81
CA HIS B 33 13.16 11.74 12.76
C HIS B 33 12.22 11.23 13.84
N ILE B 34 12.14 9.93 14.00
CA ILE B 34 11.21 9.31 14.91
C ILE B 34 11.58 9.61 16.39
N LEU B 35 12.88 9.51 16.66
CA LEU B 35 13.40 9.87 17.99
C LEU B 35 13.08 11.33 18.31
N ARG B 36 13.26 12.23 17.34
CA ARG B 36 12.99 13.67 17.56
C ARG B 36 11.51 14.10 17.49
N CYS B 37 10.73 13.50 16.57
CA CYS B 37 9.40 14.04 16.21
C CYS B 37 8.26 13.06 16.40
N GLY B 38 8.58 11.80 16.69
CA GLY B 38 7.58 10.77 16.99
C GLY B 38 6.80 11.05 18.27
N PHE B 39 5.57 10.51 18.34
CA PHE B 39 4.69 10.61 19.49
C PHE B 39 4.69 9.28 20.20
N LYS B 40 4.56 9.33 21.53
CA LYS B 40 4.44 8.11 22.29
C LYS B 40 3.11 7.44 21.92
N LYS B 41 3.14 6.11 21.78
CA LYS B 41 1.98 5.37 21.28
C LYS B 41 2.18 3.98 21.74
N GLU B 42 1.18 3.43 22.42
CA GLU B 42 1.23 2.05 22.94
C GLU B 42 0.91 1.00 21.85
N ASP B 43 1.49 -0.20 21.95
CA ASP B 43 1.19 -1.30 20.99
C ASP B 43 0.19 -2.29 21.60
N ARG B 44 0.14 -3.50 21.02
CA ARG B 44 -0.82 -4.56 21.38
C ARG B 44 -0.76 -5.01 22.83
N THR B 45 0.45 -5.04 23.38
CA THR B 45 0.67 -5.50 24.75
C THR B 45 0.80 -4.28 25.69
N GLY B 46 0.28 -3.14 25.24
CA GLY B 46 0.56 -1.83 25.85
C GLY B 46 2.03 -1.49 26.17
N THR B 47 2.99 -1.88 25.32
CA THR B 47 4.42 -1.50 25.53
C THR B 47 4.70 -0.34 24.62
N GLY B 48 5.49 0.61 25.12
CA GLY B 48 5.45 1.93 24.51
C GLY B 48 6.31 2.06 23.28
N THR B 49 5.94 2.95 22.38
CA THR B 49 6.77 3.26 21.22
C THR B 49 6.85 4.74 21.06
N LEU B 50 7.83 5.23 20.33
CA LEU B 50 7.73 6.52 19.64
C LEU B 50 7.36 6.20 18.14
N SER B 51 6.43 6.92 17.59
CA SER B 51 5.75 6.54 16.32
C SER B 51 5.56 7.74 15.42
N VAL B 52 5.79 7.55 14.09
CA VAL B 52 5.43 8.58 13.11
C VAL B 52 4.58 7.76 12.08
N PHE B 53 3.56 8.38 11.51
CA PHE B 53 2.71 7.69 10.55
C PHE B 53 3.09 8.22 9.18
N GLY B 54 3.53 7.33 8.27
CA GLY B 54 3.88 7.72 6.93
C GLY B 54 5.37 8.11 6.76
N MET B 55 6.16 7.23 6.11
CA MET B 55 7.58 7.53 5.83
C MET B 55 7.85 6.81 4.50
N GLN B 56 8.85 7.28 3.76
CA GLN B 56 9.20 6.62 2.52
C GLN B 56 10.74 6.77 2.35
N ALA B 57 11.44 5.71 1.88
CA ALA B 57 12.82 5.81 1.44
C ALA B 57 12.98 5.00 0.15
N ARG B 58 14.01 5.34 -0.64
CA ARG B 58 14.29 4.70 -1.89
C ARG B 58 15.72 4.08 -1.77
N TYR B 59 15.84 2.78 -1.93
CA TYR B 59 17.16 2.16 -1.87
C TYR B 59 17.52 1.69 -3.26
N SER B 60 18.58 2.29 -3.80
CA SER B 60 19.14 1.84 -5.09
C SER B 60 19.55 0.37 -5.04
N LEU B 61 19.24 -0.38 -6.09
CA LEU B 61 19.63 -1.80 -6.18
C LEU B 61 20.62 -1.93 -7.40
N ARG B 62 21.09 -0.79 -7.91
CA ARG B 62 21.87 -0.73 -9.13
C ARG B 62 23.34 -1.04 -8.73
N ASP B 63 23.77 -2.27 -8.95
CA ASP B 63 25.17 -2.69 -8.66
C ASP B 63 25.60 -2.59 -7.21
N GLU B 64 24.62 -2.67 -6.30
CA GLU B 64 24.79 -2.74 -4.84
C GLU B 64 23.54 -3.39 -4.28
N PHE B 65 23.60 -3.80 -3.03
CA PHE B 65 22.48 -4.43 -2.38
C PHE B 65 22.33 -3.90 -0.96
N PRO B 66 21.14 -3.41 -0.63
CA PRO B 66 20.93 -2.62 0.59
C PRO B 66 20.78 -3.46 1.87
N LEU B 67 21.86 -4.20 2.20
CA LEU B 67 21.92 -4.95 3.44
C LEU B 67 22.64 -4.05 4.40
N LEU B 68 21.94 -3.67 5.47
CA LEU B 68 22.42 -2.56 6.32
C LEU B 68 23.79 -2.89 6.96
N THR B 69 24.62 -1.88 7.12
CA THR B 69 25.96 -1.98 7.69
C THR B 69 26.23 -1.41 9.11
N THR B 70 25.42 -0.45 9.55
CA THR B 70 25.55 0.12 10.89
C THR B 70 25.25 -0.88 11.97
N LYS B 71 24.60 -1.98 11.62
CA LYS B 71 24.58 -3.17 12.45
C LYS B 71 24.43 -4.34 11.50
N ARG B 72 24.85 -5.54 11.93
CA ARG B 72 24.75 -6.76 11.12
C ARG B 72 23.29 -7.21 10.97
N VAL B 73 22.85 -7.47 9.75
CA VAL B 73 21.56 -8.08 9.53
C VAL B 73 21.56 -9.61 9.28
N PHE B 74 20.53 -10.29 9.75
CA PHE B 74 20.43 -11.75 9.73
C PHE B 74 20.08 -12.27 8.32
N TRP B 75 21.08 -12.15 7.44
CA TRP B 75 20.99 -12.48 6.01
C TRP B 75 20.48 -13.90 5.71
N LYS B 76 20.99 -14.86 6.47
CA LYS B 76 20.52 -16.23 6.35
C LYS B 76 19.00 -16.34 6.56
N GLY B 77 18.50 -15.67 7.59
CA GLY B 77 17.08 -15.61 7.91
C GLY B 77 16.24 -14.90 6.81
N VAL B 78 16.77 -13.82 6.23
CA VAL B 78 16.20 -13.18 5.03
C VAL B 78 15.94 -14.18 3.89
N LEU B 79 16.97 -14.89 3.55
CA LEU B 79 16.98 -15.76 2.38
C LEU B 79 16.07 -16.96 2.56
N GLU B 80 16.16 -17.63 3.71
CA GLU B 80 15.35 -18.79 3.96
C GLU B 80 13.88 -18.43 4.06
N GLU B 81 13.60 -17.36 4.83
CA GLU B 81 12.26 -16.89 4.94
C GLU B 81 11.65 -16.60 3.55
N LEU B 82 12.34 -15.82 2.74
CA LEU B 82 11.83 -15.55 1.36
C LEU B 82 11.57 -16.86 0.54
N LEU B 83 12.55 -17.77 0.56
CA LEU B 83 12.39 -19.08 -0.11
C LEU B 83 11.19 -19.83 0.41
N TRP B 84 10.93 -19.66 1.69
CA TRP B 84 9.81 -20.34 2.31
C TRP B 84 8.50 -19.74 1.84
N PHE B 85 8.41 -18.39 1.76
CA PHE B 85 7.22 -17.76 1.14
C PHE B 85 6.96 -18.27 -0.24
N ILE B 86 8.00 -18.30 -1.05
CA ILE B 86 7.87 -18.61 -2.46
C ILE B 86 7.29 -20.00 -2.65
N LYS B 87 7.68 -20.94 -1.79
CA LYS B 87 7.14 -22.30 -1.94
C LYS B 87 5.76 -22.37 -1.36
N GLY B 88 5.28 -21.28 -0.77
CA GLY B 88 3.89 -21.23 -0.36
C GLY B 88 3.62 -21.84 1.00
N SER B 89 4.70 -22.04 1.76
CA SER B 89 4.56 -22.70 3.04
C SER B 89 3.89 -21.77 4.09
N THR B 90 3.03 -22.34 4.90
CA THR B 90 2.54 -21.64 6.04
C THR B 90 2.91 -22.36 7.33
N ASN B 91 3.97 -23.13 7.28
CA ASN B 91 4.31 -24.05 8.42
C ASN B 91 5.57 -23.52 9.05
N ALA B 92 5.47 -22.91 10.24
CA ALA B 92 6.65 -22.35 10.89
C ALA B 92 7.76 -23.40 11.18
N LYS B 93 7.36 -24.68 11.37
CA LYS B 93 8.38 -25.76 11.53
C LYS B 93 9.27 -25.94 10.31
N GLU B 94 8.70 -25.79 9.11
CA GLU B 94 9.44 -25.99 7.85
C GLU B 94 10.54 -24.96 7.65
N LEU B 95 10.37 -23.78 8.27
CA LEU B 95 11.40 -22.74 8.25
C LEU B 95 12.41 -22.89 9.43
N SER B 96 11.89 -23.30 10.56
CA SER B 96 12.67 -23.63 11.79
C SER B 96 13.74 -24.70 11.49
N SER B 97 13.38 -25.72 10.70
CA SER B 97 14.34 -26.76 10.33
C SER B 97 15.55 -26.19 9.55
N LYS B 98 15.42 -24.99 9.00
CA LYS B 98 16.59 -24.38 8.37
C LYS B 98 17.43 -23.63 9.44
N GLY B 99 16.96 -23.65 10.69
CA GLY B 99 17.62 -22.91 11.77
C GLY B 99 17.25 -21.42 11.78
N VAL B 100 16.08 -21.09 11.20
CA VAL B 100 15.55 -19.71 11.20
C VAL B 100 14.28 -19.80 12.05
N ARG B 101 14.34 -19.23 13.24
CA ARG B 101 13.27 -19.46 14.23
C ARG B 101 12.30 -18.28 14.41
N ILE B 102 12.40 -17.30 13.49
CA ILE B 102 11.69 -16.02 13.66
C ILE B 102 10.17 -16.17 13.64
N TRP B 103 9.64 -17.23 13.01
CA TRP B 103 8.19 -17.49 13.06
C TRP B 103 7.71 -18.45 14.15
N ASP B 104 8.63 -19.02 14.92
CA ASP B 104 8.26 -20.15 15.77
C ASP B 104 7.31 -19.80 16.90
N ALA B 105 7.53 -18.65 17.51
CA ALA B 105 6.61 -18.10 18.48
C ALA B 105 5.18 -17.92 17.97
N ASN B 106 5.04 -17.32 16.80
CA ASN B 106 3.71 -17.15 16.22
C ASN B 106 2.96 -18.46 15.93
N GLY B 107 3.70 -19.55 15.75
CA GLY B 107 3.10 -20.87 15.55
C GLY B 107 3.17 -21.80 16.78
N SER B 108 3.64 -21.30 17.92
CA SER B 108 3.62 -22.05 19.21
C SER B 108 2.18 -22.37 19.65
N ARG B 109 2.03 -23.53 20.32
CA ARG B 109 0.77 -23.96 20.91
C ARG B 109 0.13 -22.85 21.74
N ASP B 110 0.95 -22.18 22.53
CA ASP B 110 0.44 -21.20 23.46
C ASP B 110 -0.10 -19.93 22.76
N PHE B 111 0.72 -19.40 21.85
CA PHE B 111 0.26 -18.31 20.99
C PHE B 111 -1.01 -18.68 20.24
N LEU B 112 -1.02 -19.84 19.57
CA LEU B 112 -2.20 -20.22 18.80
C LEU B 112 -3.49 -20.29 19.65
N ASP B 113 -3.44 -20.90 20.84
CA ASP B 113 -4.62 -20.96 21.77
C ASP B 113 -5.04 -19.55 22.24
N SER B 114 -4.08 -18.73 22.65
CA SER B 114 -4.37 -17.34 23.05
C SER B 114 -5.25 -16.61 22.03
N LEU B 115 -5.18 -17.06 20.76
CA LEU B 115 -5.93 -16.46 19.66
C LEU B 115 -7.19 -17.26 19.37
N GLY B 116 -7.45 -18.28 20.17
CA GLY B 116 -8.62 -19.10 20.02
C GLY B 116 -8.48 -20.10 18.90
N PHE B 117 -7.25 -20.44 18.50
CA PHE B 117 -7.04 -21.47 17.46
C PHE B 117 -6.66 -22.83 18.06
N SER B 118 -7.61 -23.44 18.76
CA SER B 118 -7.36 -24.71 19.49
C SER B 118 -7.17 -25.92 18.59
N ALA B 119 -8.07 -26.05 17.60
CA ALA B 119 -8.04 -27.14 16.62
C ALA B 119 -6.73 -27.22 15.82
N ARG B 120 -5.95 -26.15 15.80
CA ARG B 120 -4.83 -26.02 14.88
C ARG B 120 -3.52 -26.62 15.36
N GLN B 121 -2.81 -27.38 14.52
CA GLN B 121 -1.59 -28.03 14.98
C GLN B 121 -0.45 -27.03 15.07
N GLU B 122 0.53 -27.31 15.92
CA GLU B 122 1.66 -26.42 16.14
C GLU B 122 2.47 -26.17 14.84
N GLY B 123 2.99 -24.93 14.69
CA GLY B 123 3.59 -24.46 13.43
C GLY B 123 2.62 -23.89 12.37
N ASP B 124 1.31 -24.12 12.50
CA ASP B 124 0.32 -23.75 11.49
C ASP B 124 -0.12 -22.25 11.64
N LEU B 125 0.55 -21.41 10.86
CA LEU B 125 0.39 -19.96 10.93
C LEU B 125 -0.95 -19.50 10.36
N GLY B 126 -1.63 -20.37 9.65
CA GLY B 126 -2.88 -20.01 8.95
C GLY B 126 -2.50 -19.39 7.58
N PRO B 127 -3.40 -18.66 6.96
CA PRO B 127 -3.17 -18.24 5.59
C PRO B 127 -2.34 -16.96 5.46
N VAL B 128 -1.08 -17.04 5.82
CA VAL B 128 -0.18 -15.92 5.77
C VAL B 128 0.55 -15.78 4.46
N TYR B 129 1.64 -15.02 4.39
CA TYR B 129 2.25 -14.67 3.08
C TYR B 129 2.32 -15.78 2.03
N GLY B 130 2.97 -16.89 2.36
CA GLY B 130 3.12 -18.00 1.37
C GLY B 130 1.83 -18.33 0.66
N PHE B 131 0.79 -18.44 1.44
CA PHE B 131 -0.48 -18.87 0.92
C PHE B 131 -1.16 -17.75 0.07
N GLN B 132 -1.10 -16.52 0.54
CA GLN B 132 -1.67 -15.41 -0.21
C GLN B 132 -0.95 -15.17 -1.52
N TRP B 133 0.37 -15.21 -1.50
CA TRP B 133 1.14 -14.98 -2.67
C TRP B 133 0.86 -16.00 -3.82
N ARG B 134 0.61 -17.25 -3.44
CA ARG B 134 0.45 -18.34 -4.41
C ARG B 134 -1.01 -18.84 -4.60
N HIS B 135 -1.88 -18.58 -3.65
CA HIS B 135 -3.26 -19.18 -3.61
C HIS B 135 -4.34 -18.18 -3.11
N PHE B 136 -4.19 -16.90 -3.44
CA PHE B 136 -5.10 -15.92 -2.87
C PHE B 136 -6.54 -16.29 -3.24
N GLY B 137 -7.43 -16.27 -2.24
CA GLY B 137 -8.85 -16.47 -2.52
C GLY B 137 -9.18 -17.95 -2.36
N ALA B 138 -8.19 -18.83 -2.30
CA ALA B 138 -8.41 -20.24 -1.96
C ALA B 138 -8.99 -20.45 -0.59
N GLU B 139 -9.80 -21.48 -0.41
CA GLU B 139 -10.27 -21.85 0.92
C GLU B 139 -9.17 -22.49 1.75
N TYR B 140 -8.79 -21.86 2.84
CA TYR B 140 -7.73 -22.46 3.64
C TYR B 140 -8.30 -23.57 4.53
N LYS B 141 -7.51 -24.63 4.70
CA LYS B 141 -7.89 -25.81 5.54
C LYS B 141 -6.81 -25.94 6.62
N ASP B 142 -5.64 -26.50 6.27
CA ASP B 142 -4.54 -26.37 7.19
C ASP B 142 -3.19 -26.37 6.48
N MET B 143 -2.10 -26.25 7.23
CA MET B 143 -0.79 -26.09 6.60
C MET B 143 -0.34 -27.30 5.77
N ASP B 144 -1.09 -28.40 5.90
CA ASP B 144 -0.74 -29.64 5.19
C ASP B 144 -1.53 -29.87 3.96
N SER B 145 -2.58 -29.07 3.76
CA SER B 145 -3.39 -29.23 2.58
C SER B 145 -2.61 -28.99 1.28
N ASP B 146 -3.07 -29.65 0.23
CA ASP B 146 -2.54 -29.46 -1.12
C ASP B 146 -3.41 -28.36 -1.78
N TYR B 147 -2.81 -27.21 -2.09
CA TYR B 147 -3.60 -26.12 -2.66
C TYR B 147 -3.39 -25.95 -4.17
N SER B 148 -2.69 -26.91 -4.79
CA SER B 148 -2.38 -26.87 -6.24
C SER B 148 -3.58 -26.49 -7.06
N GLY B 149 -3.34 -25.58 -8.01
CA GLY B 149 -4.37 -25.02 -8.89
C GLY B 149 -5.44 -24.18 -8.19
N GLN B 150 -5.37 -23.98 -6.87
CA GLN B 150 -6.41 -23.22 -6.19
C GLN B 150 -5.93 -21.76 -5.95
N GLY B 151 -6.87 -20.84 -6.12
CA GLY B 151 -6.63 -19.41 -5.90
C GLY B 151 -5.80 -18.79 -6.97
N VAL B 152 -5.38 -17.55 -6.68
CA VAL B 152 -4.67 -16.77 -7.67
C VAL B 152 -3.24 -16.85 -7.30
N ASP B 153 -2.43 -17.28 -8.27
CA ASP B 153 -1.03 -17.25 -8.11
C ASP B 153 -0.49 -15.86 -8.47
N GLN B 154 -0.50 -14.95 -7.47
CA GLN B 154 -0.11 -13.55 -7.74
C GLN B 154 1.34 -13.46 -8.08
N LEU B 155 2.15 -14.31 -7.50
CA LEU B 155 3.57 -14.23 -7.76
C LEU B 155 3.92 -14.55 -9.22
N GLN B 156 3.39 -15.63 -9.72
CA GLN B 156 3.58 -16.00 -11.13
C GLN B 156 2.94 -14.95 -12.07
N LYS B 157 1.77 -14.44 -11.69
CA LYS B 157 1.08 -13.39 -12.43
C LYS B 157 1.94 -12.16 -12.51
N VAL B 158 2.63 -11.81 -11.45
CA VAL B 158 3.58 -10.72 -11.49
C VAL B 158 4.70 -10.95 -12.49
N ILE B 159 5.34 -12.08 -12.39
CA ILE B 159 6.45 -12.44 -13.29
C ILE B 159 5.95 -12.45 -14.79
N ASP B 160 4.80 -13.04 -15.04
CA ASP B 160 4.29 -13.13 -16.45
C ASP B 160 3.92 -11.76 -17.00
N THR B 161 3.31 -10.94 -16.13
CA THR B 161 3.01 -9.56 -16.51
C THR B 161 4.26 -8.74 -16.80
N ILE B 162 5.26 -8.87 -15.93
CA ILE B 162 6.48 -8.15 -16.18
C ILE B 162 7.06 -8.54 -17.55
N LYS B 163 7.04 -9.82 -17.84
CA LYS B 163 7.58 -10.32 -19.12
C LYS B 163 6.82 -9.81 -20.35
N THR B 164 5.49 -9.81 -20.29
CA THR B 164 4.69 -9.49 -21.45
C THR B 164 4.20 -8.02 -21.59
N ASN B 165 4.01 -7.31 -20.46
CA ASN B 165 3.57 -5.91 -20.50
C ASN B 165 4.28 -5.14 -19.41
N PRO B 166 5.58 -4.87 -19.59
CA PRO B 166 6.38 -4.20 -18.60
C PRO B 166 5.86 -2.80 -18.21
N ASP B 167 5.16 -2.13 -19.12
CA ASP B 167 4.56 -0.83 -18.82
C ASP B 167 3.37 -0.89 -17.85
N ASP B 168 2.93 -2.08 -17.50
CA ASP B 168 1.69 -2.31 -16.76
C ASP B 168 1.71 -1.57 -15.41
N ARG B 169 0.63 -0.90 -15.06
CA ARG B 169 0.58 -0.15 -13.80
C ARG B 169 -0.18 -0.88 -12.71
N ARG B 170 -0.41 -2.14 -12.94
CA ARG B 170 -1.23 -2.98 -12.04
C ARG B 170 -0.45 -4.19 -11.57
N ILE B 171 0.88 -4.07 -11.49
CA ILE B 171 1.67 -5.26 -11.16
C ILE B 171 1.81 -5.33 -9.66
N ILE B 172 0.81 -5.95 -9.01
CA ILE B 172 0.67 -5.92 -7.53
C ILE B 172 0.61 -7.37 -6.98
N MET B 173 1.30 -7.58 -5.86
CA MET B 173 1.08 -8.75 -5.08
C MET B 173 0.57 -8.31 -3.71
N CYS B 174 -0.57 -8.81 -3.30
CA CYS B 174 -1.18 -8.33 -2.08
C CYS B 174 -1.33 -9.52 -1.10
N ALA B 175 -0.75 -9.42 0.09
CA ALA B 175 -0.92 -10.42 1.16
C ALA B 175 -2.09 -10.06 2.06
N TRP B 176 -2.55 -8.79 2.02
CA TRP B 176 -3.64 -8.35 2.85
C TRP B 176 -4.92 -8.96 2.26
N ASN B 177 -5.62 -9.81 3.00
CA ASN B 177 -6.79 -10.49 2.43
C ASN B 177 -7.82 -10.35 3.50
N PRO B 178 -8.72 -9.36 3.36
CA PRO B 178 -9.64 -9.11 4.47
C PRO B 178 -10.41 -10.37 4.95
N LYS B 179 -10.77 -11.22 3.98
CA LYS B 179 -11.52 -12.44 4.24
C LYS B 179 -10.76 -13.40 5.16
N ASP B 180 -9.46 -13.52 4.95
CA ASP B 180 -8.65 -14.49 5.70
C ASP B 180 -8.01 -13.97 6.99
N LEU B 181 -8.06 -12.65 7.26
CA LEU B 181 -7.45 -12.07 8.51
C LEU B 181 -7.79 -12.82 9.82
N PRO B 182 -9.08 -13.13 10.07
CA PRO B 182 -9.49 -13.88 11.25
C PRO B 182 -8.75 -15.25 11.46
N LEU B 183 -8.28 -15.87 10.39
CA LEU B 183 -7.58 -17.18 10.50
C LEU B 183 -6.10 -17.04 10.65
N MET B 184 -5.59 -15.81 10.53
CA MET B 184 -4.15 -15.65 10.46
C MET B 184 -3.59 -15.55 11.84
N ALA B 185 -2.42 -16.11 12.07
CA ALA B 185 -1.78 -15.94 13.38
C ALA B 185 -1.36 -14.45 13.62
N LEU B 186 -1.38 -13.69 12.55
CA LEU B 186 -0.85 -12.34 12.55
C LEU B 186 -1.16 -11.81 11.16
N PRO B 187 -1.91 -10.74 11.05
CA PRO B 187 -2.02 -10.15 9.71
C PRO B 187 -0.66 -9.57 9.23
N PRO B 188 -0.44 -9.60 7.91
CA PRO B 188 0.87 -9.31 7.33
C PRO B 188 1.23 -7.86 7.65
N CYS B 189 2.46 -7.57 8.10
CA CYS B 189 2.86 -6.16 8.15
C CYS B 189 3.17 -5.72 6.74
N HIS B 190 3.66 -6.64 5.90
CA HIS B 190 3.95 -6.30 4.47
C HIS B 190 2.72 -6.51 3.63
N ALA B 191 1.88 -5.49 3.56
CA ALA B 191 0.48 -5.64 3.09
C ALA B 191 0.38 -5.88 1.58
N LEU B 192 1.20 -5.15 0.80
CA LEU B 192 1.09 -5.16 -0.64
C LEU B 192 2.42 -4.75 -1.21
N CYS B 193 2.75 -5.21 -2.42
CA CYS B 193 3.90 -4.58 -3.10
C CYS B 193 3.57 -4.47 -4.57
N GLN B 194 4.25 -3.53 -5.21
CA GLN B 194 4.02 -3.19 -6.62
C GLN B 194 5.35 -3.20 -7.30
N PHE B 195 5.34 -3.69 -8.53
CA PHE B 195 6.51 -3.71 -9.33
C PHE B 195 6.30 -2.73 -10.48
N TYR B 196 7.40 -2.27 -11.04
CA TYR B 196 7.44 -1.22 -12.02
C TYR B 196 8.68 -1.39 -12.92
N VAL B 197 8.55 -1.17 -14.21
CA VAL B 197 9.62 -1.37 -15.17
C VAL B 197 9.77 -0.15 -16.01
N VAL B 198 10.96 0.39 -16.07
CA VAL B 198 11.19 1.39 -17.11
C VAL B 198 12.71 1.27 -17.46
N ASN B 199 13.04 1.47 -18.72
CA ASN B 199 14.47 1.43 -19.12
C ASN B 199 15.18 0.12 -18.78
N GLY B 200 14.48 -0.98 -18.99
CA GLY B 200 15.06 -2.30 -18.67
C GLY B 200 15.36 -2.56 -17.16
N GLU B 201 14.77 -1.78 -16.23
CA GLU B 201 15.08 -1.93 -14.79
C GLU B 201 13.78 -2.18 -14.02
N LEU B 202 13.80 -3.14 -13.11
CA LEU B 202 12.68 -3.55 -12.31
C LEU B 202 12.77 -2.88 -10.95
N SER B 203 11.73 -2.16 -10.58
CA SER B 203 11.63 -1.65 -9.23
C SER B 203 10.48 -2.24 -8.45
N CYS B 204 10.52 -2.04 -7.15
CA CYS B 204 9.53 -2.63 -6.27
C CYS B 204 9.19 -1.60 -5.18
N GLN B 205 7.91 -1.38 -4.96
CA GLN B 205 7.55 -0.59 -3.75
C GLN B 205 6.76 -1.49 -2.79
N LEU B 206 7.13 -1.46 -1.53
CA LEU B 206 6.44 -2.18 -0.47
C LEU B 206 5.58 -1.22 0.31
N TYR B 207 4.27 -1.50 0.41
CA TYR B 207 3.50 -0.93 1.52
C TYR B 207 3.56 -1.80 2.80
N GLN B 208 4.26 -1.28 3.81
CA GLN B 208 4.47 -1.96 5.11
C GLN B 208 3.69 -1.17 6.17
N ARG B 209 2.64 -1.77 6.68
CA ARG B 209 1.69 -1.10 7.55
C ARG B 209 2.22 -0.75 8.92
N SER B 210 3.28 -1.43 9.34
CA SER B 210 3.82 -1.38 10.68
C SER B 210 5.30 -1.74 10.62
N GLY B 211 6.16 -0.86 11.10
CA GLY B 211 7.59 -1.14 10.97
C GLY B 211 8.32 -0.86 12.25
N ASP B 212 8.91 -1.91 12.81
CA ASP B 212 9.69 -1.85 14.06
C ASP B 212 11.05 -1.42 13.56
N MET B 213 11.38 -0.14 13.70
CA MET B 213 12.64 0.35 13.10
C MET B 213 13.94 -0.37 13.59
N GLY B 214 13.97 -0.80 14.84
CA GLY B 214 15.23 -1.28 15.46
C GLY B 214 15.56 -2.73 15.05
N LEU B 215 14.54 -3.58 15.10
CA LEU B 215 14.59 -5.02 14.98
C LEU B 215 14.12 -5.49 13.58
N GLY B 216 12.97 -4.97 13.10
CA GLY B 216 12.32 -5.46 11.87
C GLY B 216 12.75 -4.83 10.54
N VAL B 217 12.80 -3.49 10.45
CA VAL B 217 12.95 -2.80 9.18
C VAL B 217 14.23 -3.13 8.39
N PRO B 218 15.41 -3.20 9.06
CA PRO B 218 16.56 -3.53 8.19
C PRO B 218 16.36 -4.93 7.51
N PHE B 219 15.80 -5.89 8.22
CA PHE B 219 15.48 -7.18 7.68
C PHE B 219 14.43 -7.12 6.55
N ASN B 220 13.37 -6.33 6.79
CA ASN B 220 12.33 -6.08 5.77
C ASN B 220 12.92 -5.53 4.43
N ILE B 221 13.75 -4.46 4.49
CA ILE B 221 14.41 -3.86 3.34
C ILE B 221 15.16 -4.96 2.54
N ALA B 222 15.94 -5.81 3.22
CA ALA B 222 16.72 -6.82 2.50
C ALA B 222 15.81 -7.88 1.93
N SER B 223 14.72 -8.19 2.60
CA SER B 223 13.81 -9.16 2.05
C SER B 223 13.24 -8.72 0.70
N TYR B 224 12.76 -7.50 0.59
CA TYR B 224 12.13 -7.10 -0.63
C TYR B 224 13.15 -6.70 -1.69
N ALA B 225 14.32 -6.26 -1.27
CA ALA B 225 15.42 -6.09 -2.17
C ALA B 225 15.75 -7.39 -2.89
N LEU B 226 15.73 -8.47 -2.15
CA LEU B 226 16.05 -9.86 -2.62
C LEU B 226 14.94 -10.37 -3.55
N LEU B 227 13.68 -10.23 -3.13
CA LEU B 227 12.59 -10.55 -4.08
C LEU B 227 12.80 -9.80 -5.42
N THR B 228 13.15 -8.49 -5.38
CA THR B 228 13.33 -7.75 -6.64
C THR B 228 14.55 -8.27 -7.46
N TYR B 229 15.70 -8.53 -6.80
CA TYR B 229 16.79 -9.25 -7.52
C TYR B 229 16.33 -10.55 -8.19
N MET B 230 15.52 -11.36 -7.50
CA MET B 230 15.09 -12.63 -8.01
C MET B 230 14.15 -12.51 -9.22
N ILE B 231 13.15 -11.63 -9.10
CA ILE B 231 12.23 -11.37 -10.23
C ILE B 231 13.03 -10.75 -11.39
N ALA B 232 13.98 -9.92 -11.10
CA ALA B 232 14.69 -9.30 -12.16
C ALA B 232 15.50 -10.36 -12.89
N HIS B 233 16.00 -11.32 -12.16
CA HIS B 233 16.84 -12.39 -12.72
C HIS B 233 16.01 -13.20 -13.68
N ILE B 234 14.88 -13.70 -13.17
CA ILE B 234 13.87 -14.46 -13.93
C ILE B 234 13.30 -13.74 -15.19
N THR B 235 13.21 -12.42 -15.17
CA THR B 235 12.54 -11.77 -16.25
C THR B 235 13.50 -11.08 -17.20
N GLY B 236 14.82 -11.23 -16.95
CA GLY B 236 15.78 -10.68 -17.88
C GLY B 236 15.92 -9.18 -17.78
N LEU B 237 15.67 -8.63 -16.59
CA LEU B 237 15.80 -7.19 -16.38
C LEU B 237 16.91 -6.94 -15.36
N GLN B 238 17.32 -5.71 -15.15
CA GLN B 238 18.23 -5.36 -14.06
C GLN B 238 17.53 -4.72 -12.85
N PRO B 239 17.96 -5.01 -11.63
CA PRO B 239 17.38 -4.33 -10.40
C PRO B 239 17.45 -2.81 -10.49
N GLY B 240 16.33 -2.15 -10.19
CA GLY B 240 16.28 -0.71 -10.14
C GLY B 240 16.31 -0.11 -8.76
N ASP B 241 15.14 0.23 -8.22
CA ASP B 241 15.00 0.77 -6.87
C ASP B 241 14.10 -0.13 -6.05
N PHE B 242 14.36 -0.20 -4.76
CA PHE B 242 13.38 -0.59 -3.78
C PHE B 242 12.88 0.61 -3.03
N VAL B 243 11.60 0.88 -3.13
CA VAL B 243 10.98 2.00 -2.47
C VAL B 243 10.20 1.49 -1.26
N HIS B 244 10.62 1.88 -0.09
CA HIS B 244 10.08 1.33 1.15
C HIS B 244 9.07 2.33 1.78
N THR B 245 7.78 2.04 1.75
CA THR B 245 6.77 2.96 2.37
C THR B 245 6.25 2.33 3.65
N LEU B 246 6.24 3.14 4.70
CA LEU B 246 5.79 2.73 6.01
C LEU B 246 4.48 3.41 6.45
N GLY B 247 3.63 2.66 7.11
CA GLY B 247 2.54 3.18 7.89
C GLY B 247 2.97 3.63 9.28
N ASP B 248 2.70 2.86 10.31
CA ASP B 248 3.18 3.17 11.67
C ASP B 248 4.69 2.76 11.81
N ALA B 249 5.54 3.73 11.58
CA ALA B 249 7.00 3.54 11.73
C ALA B 249 7.36 3.84 13.20
N HIS B 250 7.90 2.86 13.92
CA HIS B 250 7.98 3.05 15.38
C HIS B 250 9.27 2.52 15.94
N ILE B 251 9.64 3.03 17.09
CA ILE B 251 10.79 2.56 17.83
C ILE B 251 10.35 2.19 19.21
N TYR B 252 10.62 0.97 19.63
CA TYR B 252 10.24 0.54 21.00
C TYR B 252 11.11 1.31 22.01
N LEU B 253 10.57 1.70 23.16
CA LEU B 253 11.30 2.70 24.01
C LEU B 253 12.60 2.13 24.52
N ASN B 254 12.62 0.80 24.73
CA ASN B 254 13.81 0.04 25.16
C ASN B 254 14.83 -0.26 24.06
N HIS B 255 14.60 0.31 22.87
CA HIS B 255 15.56 0.30 21.82
C HIS B 255 16.11 1.68 21.64
N ILE B 256 15.73 2.65 22.42
CA ILE B 256 16.25 3.97 22.18
C ILE B 256 17.75 4.12 22.36
N GLU B 257 18.35 3.44 23.32
CA GLU B 257 19.82 3.65 23.53
C GLU B 257 20.67 2.83 22.53
N PRO B 258 20.35 1.54 22.37
CA PRO B 258 20.99 0.77 21.30
C PRO B 258 20.97 1.48 19.93
N LEU B 259 19.84 2.13 19.60
CA LEU B 259 19.75 2.90 18.34
C LEU B 259 20.55 4.16 18.37
N LYS B 260 20.61 4.84 19.53
CA LYS B 260 21.54 6.00 19.68
C LYS B 260 22.99 5.61 19.45
N ILE B 261 23.37 4.40 19.85
CA ILE B 261 24.71 3.90 19.51
C ILE B 261 24.81 3.84 17.98
N GLN B 262 23.93 3.03 17.38
CA GLN B 262 23.94 2.74 15.94
C GLN B 262 24.04 4.00 15.12
N LEU B 263 23.41 5.07 15.61
CA LEU B 263 23.38 6.34 14.89
C LEU B 263 24.74 7.02 14.82
N GLN B 264 25.63 6.62 15.71
CA GLN B 264 26.98 7.20 15.70
C GLN B 264 28.02 6.27 15.01
N ARG B 265 27.51 5.34 14.19
CA ARG B 265 28.30 4.46 13.31
C ARG B 265 28.24 4.97 11.90
N GLU B 266 29.38 5.09 11.22
CA GLU B 266 29.35 5.47 9.81
C GLU B 266 29.02 4.25 8.98
N PRO B 267 28.10 4.39 7.99
CA PRO B 267 27.86 3.28 7.09
C PRO B 267 29.05 2.97 6.14
N ARG B 268 29.42 1.70 6.07
CA ARG B 268 30.40 1.23 5.07
C ARG B 268 29.71 0.79 3.79
N PRO B 269 30.41 0.89 2.65
CA PRO B 269 29.71 0.67 1.40
C PRO B 269 28.85 -0.61 1.41
N PHE B 270 27.72 -0.56 0.74
CA PHE B 270 26.82 -1.69 0.70
C PHE B 270 27.51 -2.83 -0.10
N PRO B 271 27.26 -4.07 0.28
CA PRO B 271 27.72 -5.20 -0.50
C PRO B 271 27.09 -5.28 -1.89
N LYS B 272 27.46 -6.34 -2.63
CA LYS B 272 26.82 -6.75 -3.86
C LYS B 272 26.20 -8.09 -3.61
N LEU B 273 25.13 -8.40 -4.34
CA LEU B 273 24.49 -9.70 -4.25
C LEU B 273 24.68 -10.36 -5.60
N LYS B 274 25.18 -11.58 -5.57
CA LYS B 274 25.48 -12.33 -6.79
C LYS B 274 24.53 -13.46 -6.94
N ILE B 275 23.95 -13.61 -8.12
CA ILE B 275 23.24 -14.85 -8.42
C ILE B 275 24.20 -15.75 -9.27
N LEU B 276 24.46 -16.96 -8.78
CA LEU B 276 25.62 -17.78 -9.26
C LEU B 276 25.32 -18.66 -10.48
N ARG B 277 24.07 -18.64 -10.94
CA ARG B 277 23.75 -19.48 -12.08
C ARG B 277 22.46 -19.01 -12.69
N LYS B 278 22.22 -19.48 -13.92
CA LYS B 278 20.98 -19.16 -14.63
C LYS B 278 19.80 -19.90 -14.00
N VAL B 279 18.86 -19.12 -13.42
CA VAL B 279 17.66 -19.71 -12.87
C VAL B 279 16.50 -19.29 -13.76
N GLU B 280 15.59 -20.21 -13.97
CA GLU B 280 14.51 -20.01 -14.94
C GLU B 280 13.15 -19.72 -14.43
N THR B 281 12.82 -20.29 -13.26
CA THR B 281 11.55 -20.08 -12.65
C THR B 281 11.84 -19.63 -11.18
N ILE B 282 10.88 -18.90 -10.61
CA ILE B 282 11.03 -18.31 -9.28
C ILE B 282 11.06 -19.47 -8.31
N ASP B 283 10.35 -20.53 -8.65
CA ASP B 283 10.35 -21.73 -7.77
C ASP B 283 11.69 -22.52 -7.77
N ASP B 284 12.62 -22.19 -8.65
CA ASP B 284 13.79 -23.06 -8.77
C ASP B 284 14.99 -22.50 -8.03
N PHE B 285 14.88 -21.29 -7.48
CA PHE B 285 15.98 -20.73 -6.65
C PHE B 285 16.15 -21.56 -5.38
N LYS B 286 17.42 -21.71 -4.96
CA LYS B 286 17.76 -22.39 -3.73
C LYS B 286 18.82 -21.53 -3.07
N VAL B 287 19.01 -21.76 -1.78
CA VAL B 287 19.97 -20.96 -0.96
C VAL B 287 21.34 -20.82 -1.61
N GLU B 288 21.86 -21.91 -2.19
CA GLU B 288 23.23 -21.96 -2.76
C GLU B 288 23.38 -21.08 -3.99
N ASP B 289 22.26 -20.63 -4.56
CA ASP B 289 22.35 -19.77 -5.73
C ASP B 289 22.85 -18.35 -5.44
N PHE B 290 22.90 -18.00 -4.16
CA PHE B 290 23.14 -16.59 -3.78
C PHE B 290 24.43 -16.41 -3.04
N GLN B 291 25.09 -15.29 -3.33
CA GLN B 291 26.26 -14.93 -2.59
C GLN B 291 26.32 -13.44 -2.31
N ILE B 292 26.46 -13.10 -1.03
CA ILE B 292 26.65 -11.71 -0.64
C ILE B 292 28.16 -11.44 -0.60
N GLU B 293 28.60 -10.40 -1.34
CA GLU B 293 30.01 -10.06 -1.45
C GLU B 293 30.37 -8.67 -0.95
N GLY B 294 31.40 -8.64 -0.11
CA GLY B 294 31.89 -7.37 0.40
C GLY B 294 31.07 -6.86 1.58
N TYR B 295 30.46 -7.76 2.33
CA TYR B 295 29.58 -7.34 3.43
C TYR B 295 30.39 -7.17 4.69
N ASN B 296 30.66 -5.91 5.00
CA ASN B 296 31.52 -5.54 6.13
C ASN B 296 30.73 -4.68 7.16
N PRO B 297 29.81 -5.29 7.95
CA PRO B 297 29.02 -4.44 8.84
C PRO B 297 29.74 -4.21 10.17
N HIS B 298 29.47 -3.07 10.85
CA HIS B 298 29.78 -2.87 12.29
C HIS B 298 29.18 -4.00 13.11
N PRO B 299 29.57 -4.14 14.41
CA PRO B 299 29.10 -5.32 15.14
C PRO B 299 27.57 -5.49 15.20
N THR B 300 27.10 -6.60 15.77
CA THR B 300 25.69 -6.72 16.17
C THR B 300 25.41 -5.80 17.39
N ILE B 301 24.13 -5.46 17.50
CA ILE B 301 23.50 -4.82 18.65
C ILE B 301 22.25 -5.66 18.89
N LYS B 302 22.08 -6.09 20.15
CA LYS B 302 20.93 -6.92 20.59
C LYS B 302 19.74 -6.03 20.98
N MET B 303 18.53 -6.48 20.62
CA MET B 303 17.31 -5.69 20.81
C MET B 303 16.08 -6.59 20.92
#